data_1VJY
#
_entry.id   1VJY
#
_cell.length_a   42.069
_cell.length_b   75.775
_cell.length_c   89.589
_cell.angle_alpha   90.00
_cell.angle_beta   90.00
_cell.angle_gamma   90.00
#
_symmetry.space_group_name_H-M   'P 21 21 21'
#
loop_
_entity.id
_entity.type
_entity.pdbx_description
1 polymer 'TGF-beta receptor type I'
2 non-polymer 2-[5-(6-METHYLPYRIDIN-2-YL)-2,3-DIHYDRO-1H-PYRAZOL-4-YL]-1,5-NAPHTHYRIDINE
3 water water
#
_entity_poly.entity_id   1
_entity_poly.type   'polypeptide(L)'
_entity_poly.pdbx_seq_one_letter_code
;IARTIVLQESIGKGRFGEVWRGKWRGEEVAVKIFSSREERSWFREAEIYQTVMLRHENILGFIAADNKDNGTWTQLWLVS
DYHEHGSLFDYLNRYTVTVEGMIKLALSTASGLAHLHMEIVGTQGKPAIAHRDLKSKNILVKKNGTCCIADLGLAVRHDS
ATDTIDIAPNHRVGTKRYMAPEVLDDSINMKHFESFKRADIYAMGLVFWEIARRCSIGGIHEDYQLPYYDLVPSDPSVEE
MRKVVCEQKLRPNIPNRWQSCEALRVMAKIMRECWYANGAARLTALRIKKTLSQLSQQEGIKM
;
_entity_poly.pdbx_strand_id   A
#
loop_
_chem_comp.id
_chem_comp.type
_chem_comp.name
_chem_comp.formula
460 non-polymer 2-[5-(6-METHYLPYRIDIN-2-YL)-2,3-DIHYDRO-1H-PYRAZOL-4-YL]-1,5-NAPHTHYRIDINE 'C17 H15 N5'
#
# COMPACT_ATOMS: atom_id res chain seq x y z
N ILE A 1 7.60 24.87 -11.49
CA ILE A 1 7.68 23.50 -10.91
C ILE A 1 8.17 22.48 -11.96
N ALA A 2 7.22 21.92 -12.70
CA ALA A 2 7.53 20.93 -13.73
C ALA A 2 8.39 21.56 -14.83
N ARG A 3 8.28 22.87 -14.94
CA ARG A 3 9.03 23.63 -15.92
C ARG A 3 10.56 23.50 -15.77
N THR A 4 11.01 23.30 -14.54
CA THR A 4 12.44 23.18 -14.25
C THR A 4 12.91 21.77 -13.90
N ILE A 5 12.03 20.78 -14.04
CA ILE A 5 12.42 19.41 -13.74
C ILE A 5 12.93 18.71 -15.00
N VAL A 6 14.04 17.99 -14.88
CA VAL A 6 14.59 17.29 -16.02
C VAL A 6 14.47 15.77 -15.81
N LEU A 7 13.70 15.11 -16.67
CA LEU A 7 13.52 13.66 -16.58
C LEU A 7 14.85 12.97 -16.91
N GLN A 8 15.17 11.89 -16.21
CA GLN A 8 16.43 11.19 -16.43
C GLN A 8 16.35 9.70 -16.70
N GLU A 9 15.33 9.05 -16.15
CA GLU A 9 15.19 7.60 -16.30
C GLU A 9 13.77 7.13 -16.02
N SER A 10 13.30 6.19 -16.83
CA SER A 10 11.97 5.63 -16.66
C SER A 10 12.11 4.61 -15.52
N ILE A 11 11.24 4.70 -14.51
CA ILE A 11 11.35 3.79 -13.37
C ILE A 11 10.13 2.95 -13.04
N GLY A 12 9.01 3.19 -13.71
CA GLY A 12 7.83 2.39 -13.43
C GLY A 12 6.55 2.84 -14.11
N LYS A 13 5.56 1.96 -14.12
CA LYS A 13 4.27 2.25 -14.71
C LYS A 13 3.16 1.53 -13.94
N GLY A 14 2.28 2.33 -13.33
CA GLY A 14 1.17 1.79 -12.57
C GLY A 14 -0.06 1.60 -13.44
N ARG A 15 -1.23 1.71 -12.85
CA ARG A 15 -2.47 1.54 -13.61
C ARG A 15 -2.63 2.65 -14.63
N PHE A 16 -2.27 3.86 -14.24
CA PHE A 16 -2.37 5.02 -15.10
C PHE A 16 -1.05 5.77 -15.12
N GLY A 17 -0.69 6.28 -16.29
CA GLY A 17 0.54 7.03 -16.41
C GLY A 17 1.80 6.24 -16.15
N GLU A 18 2.91 6.94 -16.15
CA GLU A 18 4.21 6.32 -15.93
C GLU A 18 5.07 7.19 -15.00
N VAL A 19 5.89 6.53 -14.20
CA VAL A 19 6.75 7.20 -13.23
C VAL A 19 8.17 7.35 -13.75
N TRP A 20 8.74 8.54 -13.56
CA TRP A 20 10.09 8.83 -14.00
C TRP A 20 10.92 9.36 -12.84
N ARG A 21 12.24 9.26 -12.98
CA ARG A 21 13.15 9.80 -11.98
C ARG A 21 13.60 11.12 -12.56
N GLY A 22 13.21 12.22 -11.93
CA GLY A 22 13.59 13.53 -12.43
C GLY A 22 14.57 14.24 -11.52
N LYS A 23 15.10 15.36 -12.00
CA LYS A 23 16.07 16.15 -11.24
C LYS A 23 15.52 17.57 -11.10
N TRP A 24 15.38 18.02 -9.87
CA TRP A 24 14.86 19.35 -9.59
C TRP A 24 15.89 20.14 -8.80
N ARG A 25 16.55 21.09 -9.46
CA ARG A 25 17.57 21.91 -8.82
C ARG A 25 18.73 21.05 -8.34
N GLY A 26 18.89 19.89 -8.97
CA GLY A 26 19.96 18.99 -8.59
C GLY A 26 19.46 17.86 -7.72
N GLU A 27 18.27 18.05 -7.13
CA GLU A 27 17.67 17.04 -6.25
C GLU A 27 16.83 16.02 -7.00
N GLU A 28 16.98 14.75 -6.65
CA GLU A 28 16.21 13.69 -7.29
C GLU A 28 14.76 13.74 -6.81
N VAL A 29 13.81 13.59 -7.73
CA VAL A 29 12.39 13.58 -7.40
C VAL A 29 11.70 12.57 -8.31
N ALA A 30 10.51 12.11 -7.94
CA ALA A 30 9.80 11.16 -8.78
C ALA A 30 8.70 11.93 -9.50
N VAL A 31 8.54 11.67 -10.79
CA VAL A 31 7.51 12.35 -11.56
C VAL A 31 6.58 11.35 -12.23
N LYS A 32 5.28 11.48 -11.97
CA LYS A 32 4.31 10.59 -12.60
C LYS A 32 3.64 11.41 -13.70
N ILE A 33 3.75 10.92 -14.93
CA ILE A 33 3.18 11.63 -16.07
C ILE A 33 1.94 10.97 -16.66
N PHE A 34 0.91 11.79 -16.89
CA PHE A 34 -0.34 11.34 -17.49
C PHE A 34 -0.60 12.05 -18.82
N SER A 35 -1.31 11.37 -19.72
CA SER A 35 -1.63 11.95 -21.02
C SER A 35 -2.91 12.78 -20.83
N SER A 36 -3.24 13.59 -21.82
CA SER A 36 -4.43 14.45 -21.74
C SER A 36 -5.68 13.63 -21.47
N ARG A 37 -5.79 12.46 -22.12
CA ARG A 37 -6.96 11.63 -21.94
C ARG A 37 -6.99 10.92 -20.59
N GLU A 38 -5.94 11.07 -19.80
CA GLU A 38 -5.91 10.46 -18.48
C GLU A 38 -6.10 11.54 -17.41
N GLU A 39 -6.73 12.65 -17.79
CA GLU A 39 -6.92 13.75 -16.84
C GLU A 39 -7.72 13.35 -15.59
N ARG A 40 -8.74 12.51 -15.73
CA ARG A 40 -9.53 12.12 -14.56
C ARG A 40 -8.67 11.44 -13.49
N SER A 41 -7.81 10.51 -13.92
CA SER A 41 -6.94 9.80 -12.98
C SER A 41 -5.92 10.75 -12.38
N TRP A 42 -5.37 11.61 -13.22
CA TRP A 42 -4.39 12.58 -12.75
C TRP A 42 -5.05 13.48 -11.71
N PHE A 43 -6.21 14.02 -12.06
CA PHE A 43 -6.93 14.91 -11.15
C PHE A 43 -7.27 14.26 -9.82
N ARG A 44 -7.83 13.05 -9.87
CA ARG A 44 -8.22 12.37 -8.65
C ARG A 44 -7.03 12.10 -7.72
N GLU A 45 -5.89 11.69 -8.26
CA GLU A 45 -4.73 11.42 -7.39
C GLU A 45 -4.19 12.73 -6.80
N ALA A 46 -4.22 13.80 -7.58
CA ALA A 46 -3.78 15.10 -7.09
C ALA A 46 -4.75 15.51 -5.97
N GLU A 47 -6.03 15.28 -6.22
CA GLU A 47 -7.06 15.61 -5.23
C GLU A 47 -6.83 14.87 -3.90
N ILE A 48 -6.59 13.56 -3.96
CA ILE A 48 -6.38 12.82 -2.72
C ILE A 48 -5.15 13.35 -1.96
N TYR A 49 -4.04 13.51 -2.67
CA TYR A 49 -2.81 13.99 -2.05
C TYR A 49 -2.91 15.39 -1.44
N GLN A 50 -3.82 16.20 -1.97
CA GLN A 50 -4.00 17.55 -1.44
C GLN A 50 -5.01 17.61 -0.29
N THR A 51 -5.39 16.43 0.22
CA THR A 51 -6.34 16.37 1.33
C THR A 51 -5.71 17.03 2.56
N VAL A 52 -6.49 17.87 3.23
CA VAL A 52 -6.00 18.56 4.41
C VAL A 52 -5.42 17.60 5.45
N MET A 53 -4.21 17.92 5.93
CA MET A 53 -3.54 17.12 6.93
C MET A 53 -3.19 15.70 6.50
N LEU A 54 -2.98 15.49 5.20
CA LEU A 54 -2.65 14.15 4.72
C LEU A 54 -1.21 13.72 4.99
N ARG A 55 -0.28 14.67 4.95
CA ARG A 55 1.12 14.33 5.16
C ARG A 55 1.39 13.51 6.41
N HIS A 56 2.26 12.52 6.23
CA HIS A 56 2.64 11.58 7.30
C HIS A 56 3.88 10.85 6.81
N GLU A 57 4.80 10.56 7.73
CA GLU A 57 6.03 9.87 7.37
C GLU A 57 5.84 8.56 6.59
N ASN A 58 4.71 7.90 6.79
CA ASN A 58 4.44 6.63 6.14
C ASN A 58 3.55 6.74 4.90
N ILE A 59 3.44 7.96 4.37
CA ILE A 59 2.67 8.23 3.16
C ILE A 59 3.60 9.00 2.23
N LEU A 60 3.66 8.59 0.97
CA LEU A 60 4.53 9.23 -0.01
C LEU A 60 4.38 10.75 0.06
N GLY A 61 5.51 11.44 0.18
CA GLY A 61 5.50 12.89 0.26
C GLY A 61 5.17 13.56 -1.06
N PHE A 62 4.01 14.22 -1.11
CA PHE A 62 3.56 14.89 -2.33
C PHE A 62 4.21 16.26 -2.50
N ILE A 63 4.69 16.54 -3.71
CA ILE A 63 5.31 17.83 -3.95
C ILE A 63 4.36 18.75 -4.67
N ALA A 64 3.81 18.31 -5.80
CA ALA A 64 2.89 19.16 -6.54
C ALA A 64 2.31 18.53 -7.79
N ALA A 65 1.23 19.14 -8.27
CA ALA A 65 0.59 18.70 -9.50
C ALA A 65 0.84 19.89 -10.43
N ASP A 66 1.06 19.60 -11.71
CA ASP A 66 1.31 20.68 -12.66
C ASP A 66 1.10 20.17 -14.07
N ASN A 67 1.07 21.11 -15.01
CA ASN A 67 0.91 20.83 -16.44
C ASN A 67 2.19 21.27 -17.10
N LYS A 68 2.55 20.64 -18.22
CA LYS A 68 3.75 20.99 -18.97
C LYS A 68 3.49 20.74 -20.45
N ASP A 69 3.47 21.82 -21.22
CA ASP A 69 3.23 21.77 -22.67
C ASP A 69 4.58 21.75 -23.37
N ASN A 70 4.87 20.68 -24.11
CA ASN A 70 6.16 20.59 -24.81
C ASN A 70 6.13 21.25 -26.19
N GLY A 71 4.98 21.84 -26.53
CA GLY A 71 4.85 22.50 -27.82
C GLY A 71 3.96 21.74 -28.80
N THR A 72 3.69 20.48 -28.49
CA THR A 72 2.85 19.64 -29.34
C THR A 72 1.66 19.12 -28.55
N TRP A 73 1.93 18.61 -27.36
CA TRP A 73 0.90 18.09 -26.48
C TRP A 73 1.24 18.49 -25.06
N THR A 74 0.24 18.44 -24.19
CA THR A 74 0.42 18.80 -22.80
C THR A 74 0.51 17.54 -21.94
N GLN A 75 1.43 17.56 -20.99
CA GLN A 75 1.60 16.44 -20.08
C GLN A 75 1.05 16.89 -18.74
N LEU A 76 0.40 15.97 -18.02
CA LEU A 76 -0.16 16.25 -16.71
C LEU A 76 0.78 15.58 -15.70
N TRP A 77 1.41 16.38 -14.86
CA TRP A 77 2.40 15.93 -13.88
C TRP A 77 2.05 15.88 -12.40
N LEU A 78 2.57 14.86 -11.72
CA LEU A 78 2.44 14.74 -10.26
C LEU A 78 3.91 14.51 -9.90
N VAL A 79 4.40 15.31 -8.95
CA VAL A 79 5.79 15.22 -8.51
C VAL A 79 5.79 14.84 -7.04
N SER A 80 6.70 13.96 -6.65
CA SER A 80 6.77 13.52 -5.25
C SER A 80 8.22 13.25 -4.86
N ASP A 81 8.45 12.87 -3.61
CA ASP A 81 9.80 12.54 -3.16
C ASP A 81 10.22 11.29 -3.91
N TYR A 82 11.54 11.13 -4.07
CA TYR A 82 12.12 9.96 -4.73
C TYR A 82 12.71 9.04 -3.66
N HIS A 83 12.51 7.74 -3.80
CA HIS A 83 13.04 6.77 -2.85
C HIS A 83 13.82 5.68 -3.59
N GLU A 84 15.14 5.81 -3.59
CA GLU A 84 16.04 4.89 -4.28
C GLU A 84 15.68 3.40 -4.26
N HIS A 85 15.29 2.88 -3.10
CA HIS A 85 14.96 1.45 -2.99
C HIS A 85 13.78 1.05 -3.88
N GLY A 86 12.89 1.99 -4.15
CA GLY A 86 11.75 1.66 -4.99
C GLY A 86 10.66 0.98 -4.18
N SER A 87 9.81 0.22 -4.86
CA SER A 87 8.69 -0.46 -4.22
C SER A 87 9.10 -1.54 -3.23
N LEU A 88 8.17 -1.87 -2.34
CA LEU A 88 8.42 -2.91 -1.36
C LEU A 88 8.60 -4.20 -2.16
N PHE A 89 7.87 -4.32 -3.26
CA PHE A 89 7.95 -5.50 -4.15
C PHE A 89 9.40 -5.71 -4.59
N ASP A 90 10.01 -4.67 -5.15
CA ASP A 90 11.38 -4.78 -5.63
C ASP A 90 12.36 -5.03 -4.48
N TYR A 91 12.13 -4.36 -3.35
CA TYR A 91 12.99 -4.50 -2.17
C TYR A 91 13.05 -5.95 -1.68
N LEU A 92 11.88 -6.54 -1.47
CA LEU A 92 11.77 -7.91 -0.98
C LEU A 92 12.32 -8.94 -1.97
N ASN A 93 12.30 -8.61 -3.27
CA ASN A 93 12.84 -9.53 -4.26
C ASN A 93 14.36 -9.52 -4.23
N ARG A 94 14.94 -8.37 -3.93
CA ARG A 94 16.39 -8.22 -3.91
C ARG A 94 17.07 -8.54 -2.57
N TYR A 95 16.36 -8.33 -1.47
CA TYR A 95 16.95 -8.55 -0.16
C TYR A 95 16.15 -9.43 0.78
N THR A 96 16.80 -9.86 1.86
CA THR A 96 16.15 -10.63 2.91
C THR A 96 16.22 -9.67 4.09
N VAL A 97 15.34 -9.82 5.08
CA VAL A 97 15.35 -8.92 6.22
C VAL A 97 15.56 -9.61 7.55
N THR A 98 16.07 -8.85 8.52
CA THR A 98 16.29 -9.39 9.86
C THR A 98 14.98 -9.17 10.62
N VAL A 99 14.89 -9.70 11.83
CA VAL A 99 13.69 -9.53 12.65
C VAL A 99 13.33 -8.06 12.79
N GLU A 100 14.32 -7.25 13.16
CA GLU A 100 14.15 -5.82 13.34
C GLU A 100 13.69 -5.19 12.03
N GLY A 101 14.28 -5.62 10.92
CA GLY A 101 13.92 -5.09 9.62
C GLY A 101 12.50 -5.39 9.22
N MET A 102 12.05 -6.63 9.44
CA MET A 102 10.69 -7.03 9.11
C MET A 102 9.70 -6.18 9.91
N ILE A 103 9.96 -6.05 11.20
CA ILE A 103 9.12 -5.28 12.08
C ILE A 103 9.02 -3.81 11.64
N LYS A 104 10.13 -3.22 11.22
CA LYS A 104 10.12 -1.84 10.77
C LYS A 104 9.25 -1.68 9.52
N LEU A 105 9.39 -2.62 8.59
CA LEU A 105 8.59 -2.57 7.35
C LEU A 105 7.10 -2.72 7.63
N ALA A 106 6.76 -3.69 8.46
CA ALA A 106 5.36 -3.97 8.82
C ALA A 106 4.74 -2.85 9.66
N LEU A 107 5.45 -2.40 10.68
CA LEU A 107 4.94 -1.33 11.53
C LEU A 107 4.73 -0.04 10.74
N SER A 108 5.74 0.35 9.96
CA SER A 108 5.62 1.59 9.18
C SER A 108 4.42 1.51 8.23
N THR A 109 4.22 0.36 7.60
CA THR A 109 3.08 0.19 6.70
C THR A 109 1.78 0.33 7.47
N ALA A 110 1.68 -0.35 8.61
CA ALA A 110 0.46 -0.28 9.41
C ALA A 110 0.21 1.15 9.92
N SER A 111 1.28 1.86 10.27
CA SER A 111 1.14 3.23 10.75
C SER A 111 0.66 4.12 9.61
N GLY A 112 1.16 3.85 8.41
CA GLY A 112 0.75 4.62 7.25
C GLY A 112 -0.72 4.39 6.96
N LEU A 113 -1.16 3.13 7.04
CA LEU A 113 -2.56 2.81 6.76
C LEU A 113 -3.48 3.34 7.84
N ALA A 114 -3.02 3.31 9.09
CA ALA A 114 -3.81 3.78 10.22
C ALA A 114 -4.06 5.28 10.07
N HIS A 115 -3.07 5.98 9.54
CA HIS A 115 -3.20 7.42 9.33
C HIS A 115 -4.28 7.66 8.30
N LEU A 116 -4.19 6.97 7.17
CA LEU A 116 -5.18 7.11 6.11
C LEU A 116 -6.60 6.85 6.61
N HIS A 117 -6.80 5.70 7.26
CA HIS A 117 -8.11 5.30 7.78
C HIS A 117 -8.66 6.18 8.90
N MET A 118 -7.75 6.80 9.64
CA MET A 118 -8.12 7.65 10.78
C MET A 118 -8.63 9.03 10.42
N GLU A 119 -9.79 9.38 10.95
CA GLU A 119 -10.34 10.70 10.70
C GLU A 119 -9.75 11.63 11.79
N ILE A 120 -9.28 12.80 11.37
CA ILE A 120 -8.72 13.76 12.32
C ILE A 120 -9.73 14.89 12.48
N VAL A 121 -10.41 14.92 13.61
CA VAL A 121 -11.43 15.94 13.88
C VAL A 121 -10.81 17.29 14.23
N GLY A 122 -11.40 18.36 13.71
CA GLY A 122 -10.88 19.69 13.98
C GLY A 122 -11.14 20.64 12.83
N THR A 123 -10.88 21.92 13.04
CA THR A 123 -11.09 22.93 12.00
C THR A 123 -10.32 22.55 10.73
N GLN A 124 -9.05 22.22 10.89
CA GLN A 124 -8.22 21.81 9.77
C GLN A 124 -8.14 20.28 9.83
N GLY A 125 -9.29 19.63 9.94
CA GLY A 125 -9.32 18.19 10.04
C GLY A 125 -9.07 17.39 8.77
N LYS A 126 -8.80 16.10 8.95
CA LYS A 126 -8.54 15.19 7.85
C LYS A 126 -9.62 14.10 7.81
N PRO A 127 -10.24 13.90 6.64
CA PRO A 127 -11.30 12.88 6.51
C PRO A 127 -10.69 11.49 6.48
N ALA A 128 -11.46 10.47 6.84
CA ALA A 128 -10.97 9.11 6.81
C ALA A 128 -10.84 8.74 5.35
N ILE A 129 -9.82 7.96 5.01
CA ILE A 129 -9.55 7.55 3.64
C ILE A 129 -9.22 6.06 3.52
N ALA A 130 -9.76 5.41 2.48
CA ALA A 130 -9.48 4.00 2.22
C ALA A 130 -8.72 4.00 0.87
N HIS A 131 -7.65 3.21 0.80
CA HIS A 131 -6.76 3.10 -0.38
C HIS A 131 -7.35 2.37 -1.60
N ARG A 132 -7.90 1.18 -1.35
CA ARG A 132 -8.53 0.34 -2.38
C ARG A 132 -7.59 -0.38 -3.36
N ASP A 133 -6.28 -0.27 -3.16
CA ASP A 133 -5.33 -0.97 -4.02
C ASP A 133 -3.98 -1.14 -3.34
N LEU A 134 -4.03 -1.53 -2.05
CA LEU A 134 -2.82 -1.73 -1.28
C LEU A 134 -2.13 -3.02 -1.73
N LYS A 135 -0.80 -2.96 -1.86
CA LYS A 135 -0.01 -4.12 -2.27
C LYS A 135 1.48 -3.77 -2.23
N SER A 136 2.34 -4.79 -2.21
CA SER A 136 3.77 -4.54 -2.16
C SER A 136 4.25 -3.63 -3.30
N LYS A 137 3.61 -3.67 -4.46
CA LYS A 137 4.07 -2.81 -5.55
C LYS A 137 3.65 -1.35 -5.39
N ASN A 138 2.73 -1.08 -4.47
CA ASN A 138 2.25 0.29 -4.23
C ASN A 138 2.74 0.88 -2.90
N ILE A 139 3.76 0.25 -2.34
CA ILE A 139 4.37 0.71 -1.11
C ILE A 139 5.83 0.92 -1.47
N LEU A 140 6.46 1.94 -0.89
CA LEU A 140 7.87 2.26 -1.19
C LEU A 140 8.73 2.17 0.07
N VAL A 141 9.96 1.72 -0.07
CA VAL A 141 10.87 1.60 1.07
C VAL A 141 11.86 2.77 1.08
N LYS A 142 11.91 3.49 2.18
CA LYS A 142 12.81 4.63 2.31
C LYS A 142 14.18 4.23 2.80
N LYS A 143 15.17 5.08 2.57
CA LYS A 143 16.54 4.81 2.97
C LYS A 143 16.71 4.35 4.40
N ASN A 144 15.78 4.73 5.28
CA ASN A 144 15.87 4.35 6.69
C ASN A 144 15.18 3.02 7.01
N GLY A 145 14.83 2.26 5.97
CA GLY A 145 14.18 0.98 6.20
C GLY A 145 12.71 1.02 6.55
N THR A 146 12.08 2.19 6.43
CA THR A 146 10.65 2.31 6.73
C THR A 146 9.87 2.42 5.42
N CYS A 147 8.57 2.14 5.45
CA CYS A 147 7.73 2.19 4.24
C CYS A 147 6.81 3.39 4.17
N CYS A 148 6.48 3.80 2.95
CA CYS A 148 5.49 4.85 2.79
C CYS A 148 4.58 4.36 1.69
N ILE A 149 3.29 4.61 1.86
CA ILE A 149 2.29 4.18 0.92
C ILE A 149 2.14 5.17 -0.23
N ALA A 150 1.92 4.64 -1.44
CA ALA A 150 1.76 5.47 -2.63
C ALA A 150 0.54 5.07 -3.45
N ASP A 151 0.43 5.58 -4.67
CA ASP A 151 -0.70 5.28 -5.56
C ASP A 151 -2.05 5.39 -4.88
N LEU A 152 -2.46 6.62 -4.59
CA LEU A 152 -3.72 6.89 -3.91
C LEU A 152 -4.86 7.19 -4.88
N GLY A 153 -4.58 7.02 -6.16
CA GLY A 153 -5.56 7.30 -7.21
C GLY A 153 -6.94 6.68 -7.06
N LEU A 154 -7.04 5.51 -6.45
CA LEU A 154 -8.33 4.83 -6.29
C LEU A 154 -8.94 5.03 -4.91
N ALA A 155 -8.27 5.79 -4.06
CA ALA A 155 -8.73 6.04 -2.70
C ALA A 155 -10.10 6.72 -2.61
N VAL A 156 -10.79 6.49 -1.51
CA VAL A 156 -12.09 7.12 -1.27
C VAL A 156 -12.08 7.82 0.08
N ARG A 157 -12.71 8.99 0.12
CA ARG A 157 -12.75 9.77 1.36
C ARG A 157 -14.13 9.72 2.00
N HIS A 158 -14.16 9.59 3.31
CA HIS A 158 -15.41 9.50 4.05
C HIS A 158 -15.85 10.79 4.72
N ASP A 159 -17.15 11.06 4.63
CA ASP A 159 -17.71 12.24 5.26
C ASP A 159 -18.55 11.74 6.44
N SER A 160 -17.90 11.62 7.60
CA SER A 160 -18.57 11.14 8.81
C SER A 160 -19.87 11.87 9.11
N ALA A 161 -19.94 13.14 8.71
CA ALA A 161 -21.12 13.95 8.95
C ALA A 161 -22.39 13.21 8.52
N THR A 162 -22.40 12.69 7.29
CA THR A 162 -23.56 11.98 6.78
C THR A 162 -23.24 10.52 6.45
N ASP A 163 -22.01 10.13 6.77
CA ASP A 163 -21.55 8.77 6.49
C ASP A 163 -21.73 8.44 5.02
N THR A 164 -20.95 9.11 4.18
CA THR A 164 -20.98 8.91 2.73
C THR A 164 -19.60 9.11 2.12
N ILE A 165 -19.37 8.48 0.96
CA ILE A 165 -18.09 8.57 0.26
C ILE A 165 -18.10 9.70 -0.77
N ASP A 166 -16.97 10.39 -0.91
CA ASP A 166 -16.89 11.50 -1.85
C ASP A 166 -17.07 11.09 -3.31
N ILE A 167 -17.03 9.79 -3.56
CA ILE A 167 -17.21 9.29 -4.91
C ILE A 167 -18.05 8.01 -4.91
N ARG A 172 -15.56 -3.72 -10.05
CA ARG A 172 -14.63 -3.50 -8.96
C ARG A 172 -13.26 -3.12 -9.50
N VAL A 173 -12.57 -2.24 -8.79
CA VAL A 173 -11.24 -1.81 -9.22
C VAL A 173 -10.17 -2.38 -8.30
N GLY A 174 -8.91 -2.07 -8.62
CA GLY A 174 -7.82 -2.57 -7.83
C GLY A 174 -7.15 -3.77 -8.47
N THR A 175 -6.17 -4.32 -7.76
CA THR A 175 -5.40 -5.48 -8.22
C THR A 175 -6.10 -6.76 -7.78
N LYS A 176 -6.59 -7.52 -8.76
CA LYS A 176 -7.31 -8.76 -8.51
C LYS A 176 -6.71 -9.69 -7.45
N ARG A 177 -5.40 -9.90 -7.53
CA ARG A 177 -4.71 -10.77 -6.58
C ARG A 177 -4.91 -10.34 -5.13
N TYR A 178 -4.95 -9.04 -4.87
CA TYR A 178 -5.13 -8.52 -3.51
C TYR A 178 -6.57 -8.18 -3.13
N MET A 179 -7.52 -8.41 -4.02
CA MET A 179 -8.91 -8.10 -3.73
C MET A 179 -9.46 -8.94 -2.58
N ALA A 180 -10.14 -8.30 -1.63
CA ALA A 180 -10.72 -9.02 -0.50
C ALA A 180 -11.86 -9.91 -0.99
N PRO A 181 -12.19 -10.95 -0.20
CA PRO A 181 -13.27 -11.89 -0.53
C PRO A 181 -14.57 -11.19 -0.91
N GLU A 182 -15.01 -10.25 -0.07
CA GLU A 182 -16.25 -9.53 -0.34
C GLU A 182 -16.21 -8.76 -1.65
N VAL A 183 -15.01 -8.42 -2.10
CA VAL A 183 -14.85 -7.71 -3.38
C VAL A 183 -14.92 -8.71 -4.54
N LEU A 184 -14.22 -9.83 -4.37
CA LEU A 184 -14.19 -10.88 -5.38
C LEU A 184 -15.57 -11.46 -5.67
N ASP A 185 -16.40 -11.57 -4.63
CA ASP A 185 -17.74 -12.11 -4.81
C ASP A 185 -18.75 -10.97 -4.96
N ASP A 186 -18.22 -9.75 -4.98
CA ASP A 186 -19.01 -8.53 -5.13
C ASP A 186 -20.17 -8.42 -4.13
N SER A 187 -19.96 -8.92 -2.92
CA SER A 187 -20.97 -8.86 -1.88
C SER A 187 -20.76 -7.63 -1.01
N ILE A 188 -19.63 -6.96 -1.22
CA ILE A 188 -19.28 -5.77 -0.46
C ILE A 188 -20.29 -4.64 -0.62
N ASN A 189 -20.59 -3.93 0.46
CA ASN A 189 -21.54 -2.83 0.42
C ASN A 189 -20.81 -1.55 0.04
N MET A 190 -20.87 -1.18 -1.23
CA MET A 190 -20.21 0.01 -1.75
C MET A 190 -20.63 1.28 -1.01
N LYS A 191 -21.79 1.25 -0.38
CA LYS A 191 -22.31 2.40 0.35
C LYS A 191 -21.70 2.53 1.75
N HIS A 192 -21.06 1.46 2.22
CA HIS A 192 -20.47 1.46 3.55
C HIS A 192 -18.97 1.72 3.51
N PHE A 193 -18.54 2.88 3.98
CA PHE A 193 -17.12 3.23 3.98
C PHE A 193 -16.28 2.25 4.79
N GLU A 194 -16.84 1.78 5.90
CA GLU A 194 -16.13 0.85 6.77
C GLU A 194 -15.69 -0.40 6.00
N SER A 195 -16.49 -0.80 5.02
CA SER A 195 -16.17 -1.98 4.21
C SER A 195 -14.88 -1.79 3.41
N PHE A 196 -14.60 -0.56 3.00
CA PHE A 196 -13.39 -0.26 2.25
C PHE A 196 -12.17 -0.36 3.18
N LYS A 197 -12.32 0.07 4.43
CA LYS A 197 -11.22 0.00 5.39
C LYS A 197 -10.85 -1.45 5.67
N ARG A 198 -11.88 -2.28 5.88
CA ARG A 198 -11.69 -3.69 6.18
C ARG A 198 -11.04 -4.43 5.00
N ALA A 199 -11.41 -4.03 3.78
CA ALA A 199 -10.84 -4.64 2.59
C ALA A 199 -9.36 -4.27 2.53
N ASP A 200 -9.00 -3.07 2.97
CA ASP A 200 -7.61 -2.63 2.96
C ASP A 200 -6.79 -3.53 3.91
N ILE A 201 -7.38 -3.89 5.06
CA ILE A 201 -6.70 -4.73 6.04
C ILE A 201 -6.35 -6.10 5.47
N TYR A 202 -7.30 -6.68 4.74
CA TYR A 202 -7.10 -7.97 4.11
C TYR A 202 -5.85 -7.88 3.23
N ALA A 203 -5.81 -6.85 2.40
CA ALA A 203 -4.66 -6.66 1.52
C ALA A 203 -3.35 -6.50 2.30
N MET A 204 -3.37 -5.73 3.38
CA MET A 204 -2.16 -5.52 4.18
C MET A 204 -1.69 -6.83 4.80
N GLY A 205 -2.63 -7.72 5.11
CA GLY A 205 -2.23 -9.01 5.67
C GLY A 205 -1.44 -9.75 4.61
N LEU A 206 -1.84 -9.63 3.35
CA LEU A 206 -1.12 -10.33 2.28
C LEU A 206 0.28 -9.75 2.21
N VAL A 207 0.39 -8.42 2.29
CA VAL A 207 1.69 -7.77 2.25
C VAL A 207 2.58 -8.26 3.39
N PHE A 208 2.01 -8.35 4.60
CA PHE A 208 2.77 -8.84 5.77
C PHE A 208 3.31 -10.24 5.49
N TRP A 209 2.56 -11.02 4.74
CA TRP A 209 2.96 -12.39 4.39
C TRP A 209 4.18 -12.32 3.48
N GLU A 210 4.21 -11.36 2.55
CA GLU A 210 5.34 -11.21 1.64
C GLU A 210 6.62 -10.83 2.37
N ILE A 211 6.49 -9.92 3.33
CA ILE A 211 7.62 -9.47 4.12
C ILE A 211 8.17 -10.61 4.96
N ALA A 212 7.33 -11.18 5.80
CA ALA A 212 7.73 -12.28 6.68
C ALA A 212 8.52 -13.38 5.98
N ARG A 213 8.08 -13.76 4.78
CA ARG A 213 8.77 -14.80 4.03
C ARG A 213 10.25 -14.46 3.85
N ARG A 214 10.56 -13.18 3.78
CA ARG A 214 11.93 -12.74 3.57
C ARG A 214 12.72 -12.52 4.85
N CYS A 215 12.08 -12.79 5.98
CA CYS A 215 12.75 -12.62 7.25
C CYS A 215 13.73 -13.77 7.43
N SER A 216 15.01 -13.47 7.22
CA SER A 216 16.06 -14.47 7.32
C SER A 216 16.51 -14.74 8.77
N ILE A 217 16.14 -15.91 9.28
CA ILE A 217 16.50 -16.32 10.64
C ILE A 217 17.58 -17.40 10.57
N GLY A 218 18.75 -17.10 11.10
CA GLY A 218 19.83 -18.06 11.09
C GLY A 218 20.18 -18.48 9.67
N GLY A 219 20.08 -17.53 8.75
CA GLY A 219 20.39 -17.83 7.36
C GLY A 219 19.28 -18.58 6.66
N ILE A 220 18.18 -18.82 7.37
CA ILE A 220 17.05 -19.54 6.79
C ILE A 220 15.91 -18.58 6.45
N HIS A 221 15.29 -18.78 5.28
CA HIS A 221 14.17 -17.95 4.83
C HIS A 221 13.57 -18.56 3.57
N GLU A 222 12.40 -18.04 3.17
CA GLU A 222 11.75 -18.54 1.96
C GLU A 222 12.04 -17.56 0.82
N ASP A 223 11.93 -18.04 -0.41
CA ASP A 223 12.17 -17.17 -1.56
C ASP A 223 10.98 -16.22 -1.70
N TYR A 224 11.18 -15.11 -2.39
CA TYR A 224 10.09 -14.16 -2.55
C TYR A 224 8.96 -14.70 -3.43
N GLN A 225 7.74 -14.44 -3.02
CA GLN A 225 6.58 -14.85 -3.80
C GLN A 225 5.43 -13.89 -3.53
N LEU A 226 4.56 -13.76 -4.52
CA LEU A 226 3.37 -12.93 -4.40
C LEU A 226 2.37 -13.85 -3.72
N PRO A 227 1.37 -13.28 -3.03
CA PRO A 227 0.37 -14.11 -2.36
C PRO A 227 -0.42 -14.92 -3.38
N TYR A 228 -0.65 -16.20 -3.07
CA TYR A 228 -1.39 -17.10 -3.95
C TYR A 228 -0.59 -17.54 -5.18
N TYR A 229 0.73 -17.41 -5.11
CA TYR A 229 1.60 -17.79 -6.22
C TYR A 229 1.45 -19.29 -6.49
N ASP A 230 1.08 -20.04 -5.45
CA ASP A 230 0.91 -21.48 -5.56
C ASP A 230 -0.53 -21.92 -5.87
N LEU A 231 -1.40 -20.98 -6.19
CA LEU A 231 -2.81 -21.32 -6.42
C LEU A 231 -3.44 -20.71 -7.67
N VAL A 232 -2.87 -19.60 -8.15
CA VAL A 232 -3.40 -18.93 -9.32
C VAL A 232 -2.32 -18.54 -10.31
N PRO A 233 -2.69 -18.40 -11.59
CA PRO A 233 -1.73 -18.03 -12.63
C PRO A 233 -1.32 -16.57 -12.47
N SER A 234 -0.25 -16.17 -13.16
CA SER A 234 0.21 -14.79 -13.09
C SER A 234 -0.92 -13.94 -13.67
N ASP A 235 -1.06 -12.72 -13.18
CA ASP A 235 -2.11 -11.82 -13.65
C ASP A 235 -3.45 -12.56 -13.66
N PRO A 236 -3.88 -13.10 -12.50
CA PRO A 236 -5.14 -13.84 -12.36
C PRO A 236 -6.40 -13.01 -12.56
N SER A 237 -7.45 -13.67 -13.05
CA SER A 237 -8.74 -13.01 -13.28
C SER A 237 -9.53 -13.03 -11.98
N VAL A 238 -10.63 -12.28 -11.95
CA VAL A 238 -11.47 -12.23 -10.77
C VAL A 238 -12.02 -13.63 -10.48
N GLU A 239 -12.43 -14.32 -11.53
CA GLU A 239 -12.99 -15.67 -11.39
C GLU A 239 -11.99 -16.65 -10.78
N GLU A 240 -10.76 -16.63 -11.28
CA GLU A 240 -9.72 -17.51 -10.76
C GLU A 240 -9.45 -17.21 -9.27
N MET A 241 -9.41 -15.93 -8.91
CA MET A 241 -9.18 -15.54 -7.52
C MET A 241 -10.37 -15.92 -6.64
N ARG A 242 -11.57 -15.69 -7.15
CA ARG A 242 -12.79 -15.99 -6.42
C ARG A 242 -12.91 -17.46 -6.05
N LYS A 243 -12.61 -18.34 -7.00
CA LYS A 243 -12.67 -19.78 -6.75
C LYS A 243 -11.75 -20.22 -5.61
N VAL A 244 -10.56 -19.63 -5.56
CA VAL A 244 -9.59 -19.98 -4.53
C VAL A 244 -9.87 -19.31 -3.19
N VAL A 245 -10.10 -18.01 -3.21
CA VAL A 245 -10.35 -17.27 -1.99
C VAL A 245 -11.75 -17.42 -1.42
N CYS A 246 -12.76 -17.39 -2.29
CA CYS A 246 -14.17 -17.49 -1.85
C CYS A 246 -14.76 -18.90 -1.75
N GLU A 247 -14.58 -19.71 -2.79
CA GLU A 247 -15.11 -21.06 -2.78
C GLU A 247 -14.26 -22.05 -1.99
N GLN A 248 -13.00 -22.23 -2.38
CA GLN A 248 -12.14 -23.15 -1.66
C GLN A 248 -11.71 -22.58 -0.31
N LYS A 249 -11.88 -21.28 -0.14
CA LYS A 249 -11.53 -20.57 1.09
C LYS A 249 -10.09 -20.75 1.53
N LEU A 250 -9.15 -20.59 0.61
CA LEU A 250 -7.74 -20.74 0.93
C LEU A 250 -7.07 -19.38 1.14
N ARG A 251 -5.96 -19.40 1.87
CA ARG A 251 -5.19 -18.19 2.14
C ARG A 251 -3.71 -18.57 2.00
N PRO A 252 -2.81 -17.58 1.99
CA PRO A 252 -1.38 -17.87 1.87
C PRO A 252 -0.92 -18.80 2.99
N ASN A 253 -0.11 -19.79 2.64
CA ASN A 253 0.40 -20.76 3.61
C ASN A 253 1.37 -20.14 4.61
N ILE A 254 1.22 -20.51 5.89
CA ILE A 254 2.08 -20.01 6.95
C ILE A 254 3.16 -21.05 7.27
N PRO A 255 4.42 -20.80 6.87
CA PRO A 255 5.54 -21.72 7.11
C PRO A 255 5.68 -22.13 8.57
N ASN A 256 6.13 -23.37 8.79
CA ASN A 256 6.31 -23.87 10.15
C ASN A 256 7.48 -23.16 10.81
N ARG A 257 8.48 -22.81 10.01
CA ARG A 257 9.67 -22.11 10.48
C ARG A 257 9.33 -20.88 11.33
N TRP A 258 8.20 -20.25 11.00
CA TRP A 258 7.76 -19.05 11.70
C TRP A 258 7.42 -19.24 13.16
N GLN A 259 7.31 -20.50 13.58
CA GLN A 259 6.98 -20.80 14.97
C GLN A 259 8.24 -20.77 15.85
N SER A 260 9.40 -20.79 15.22
CA SER A 260 10.67 -20.77 15.95
C SER A 260 11.12 -19.33 16.21
N CYS A 261 10.17 -18.41 16.26
CA CYS A 261 10.48 -17.00 16.50
C CYS A 261 9.23 -16.25 16.96
N GLU A 262 9.32 -15.59 18.11
CA GLU A 262 8.18 -14.85 18.65
C GLU A 262 7.74 -13.75 17.69
N ALA A 263 8.69 -13.15 16.99
CA ALA A 263 8.37 -12.07 16.05
C ALA A 263 7.50 -12.59 14.92
N LEU A 264 7.92 -13.71 14.32
CA LEU A 264 7.16 -14.29 13.22
C LEU A 264 5.81 -14.82 13.69
N ARG A 265 5.75 -15.28 14.93
CA ARG A 265 4.51 -15.79 15.48
C ARG A 265 3.48 -14.67 15.59
N VAL A 266 3.91 -13.52 16.09
CA VAL A 266 3.01 -12.38 16.21
C VAL A 266 2.53 -11.96 14.82
N MET A 267 3.45 -11.92 13.87
CA MET A 267 3.12 -11.54 12.49
C MET A 267 2.13 -12.52 11.89
N ALA A 268 2.40 -13.81 12.06
CA ALA A 268 1.53 -14.85 11.54
C ALA A 268 0.12 -14.71 12.09
N LYS A 269 0.01 -14.40 13.38
CA LYS A 269 -1.29 -14.23 14.01
C LYS A 269 -2.04 -13.05 13.41
N ILE A 270 -1.33 -11.96 13.19
CA ILE A 270 -1.92 -10.76 12.59
C ILE A 270 -2.45 -11.11 11.21
N MET A 271 -1.68 -11.88 10.44
CA MET A 271 -2.11 -12.26 9.09
C MET A 271 -3.45 -12.98 9.09
N ARG A 272 -3.51 -13.98 10.00
CA ARG A 272 -4.80 -14.71 10.03
C ARG A 272 -5.92 -13.76 10.35
N GLU A 273 -5.68 -12.86 11.30
CA GLU A 273 -6.79 -11.97 11.72
C GLU A 273 -7.13 -10.92 10.71
N CYS A 274 -6.45 -10.98 9.56
CA CYS A 274 -6.64 -10.01 8.48
C CYS A 274 -7.36 -10.69 7.33
N TRP A 275 -7.28 -12.02 7.30
CA TRP A 275 -7.86 -12.78 6.21
C TRP A 275 -9.24 -13.39 6.42
N TYR A 276 -9.92 -12.99 7.49
CA TYR A 276 -11.26 -13.47 7.76
C TYR A 276 -12.15 -13.16 6.57
N ALA A 277 -13.00 -14.10 6.19
CA ALA A 277 -13.90 -13.92 5.07
C ALA A 277 -14.80 -12.70 5.28
N ASN A 278 -15.17 -12.46 6.54
CA ASN A 278 -16.02 -11.33 6.89
C ASN A 278 -15.16 -10.17 7.38
N GLY A 279 -15.23 -9.05 6.68
CA GLY A 279 -14.45 -7.89 7.03
C GLY A 279 -14.63 -7.37 8.46
N ALA A 280 -15.83 -7.51 9.00
CA ALA A 280 -16.09 -7.04 10.36
C ALA A 280 -15.32 -7.79 11.43
N ALA A 281 -14.79 -8.97 11.09
CA ALA A 281 -14.03 -9.74 12.06
C ALA A 281 -12.53 -9.41 12.04
N ARG A 282 -12.08 -8.72 10.99
CA ARG A 282 -10.67 -8.37 10.85
C ARG A 282 -10.16 -7.31 11.82
N LEU A 283 -8.86 -7.35 12.09
CA LEU A 283 -8.26 -6.36 12.97
C LEU A 283 -8.30 -5.00 12.29
N THR A 284 -8.01 -3.95 13.06
CA THR A 284 -7.98 -2.59 12.52
C THR A 284 -6.52 -2.20 12.34
N ALA A 285 -6.27 -1.22 11.49
CA ALA A 285 -4.90 -0.78 11.24
C ALA A 285 -4.28 -0.28 12.54
N LEU A 286 -5.06 0.43 13.34
CA LEU A 286 -4.61 0.98 14.63
C LEU A 286 -4.23 -0.14 15.59
N ARG A 287 -5.09 -1.14 15.68
CA ARG A 287 -4.83 -2.28 16.56
C ARG A 287 -3.54 -2.96 16.12
N ILE A 288 -3.35 -3.11 14.82
CA ILE A 288 -2.15 -3.75 14.31
C ILE A 288 -0.90 -2.93 14.62
N LYS A 289 -1.00 -1.62 14.44
CA LYS A 289 0.10 -0.71 14.73
C LYS A 289 0.50 -0.84 16.20
N LYS A 290 -0.49 -0.87 17.08
CA LYS A 290 -0.22 -0.99 18.51
C LYS A 290 0.52 -2.28 18.82
N THR A 291 0.04 -3.39 18.25
CA THR A 291 0.66 -4.67 18.49
C THR A 291 2.11 -4.72 18.01
N LEU A 292 2.36 -4.19 16.82
CA LEU A 292 3.71 -4.17 16.27
C LEU A 292 4.61 -3.19 17.03
N SER A 293 4.01 -2.12 17.55
CA SER A 293 4.78 -1.14 18.31
C SER A 293 5.34 -1.80 19.56
N GLN A 294 4.49 -2.56 20.26
CA GLN A 294 4.91 -3.23 21.47
C GLN A 294 5.92 -4.33 21.17
N LEU A 295 5.72 -5.04 20.05
CA LEU A 295 6.64 -6.10 19.64
C LEU A 295 7.99 -5.47 19.31
N SER A 296 7.93 -4.24 18.83
CA SER A 296 9.15 -3.51 18.45
C SER A 296 9.96 -3.11 19.67
N GLN A 297 9.28 -2.54 20.66
CA GLN A 297 9.93 -2.10 21.88
C GLN A 297 10.58 -3.28 22.59
N GLN A 298 10.13 -4.48 22.26
CA GLN A 298 10.69 -5.69 22.86
C GLN A 298 12.10 -5.96 22.37
N GLU A 299 12.23 -6.38 21.10
CA GLU A 299 13.55 -6.67 20.54
C GLU A 299 14.49 -5.48 20.71
N GLY A 300 13.99 -4.29 20.42
CA GLY A 300 14.82 -3.10 20.54
C GLY A 300 15.36 -2.66 19.19
N ILE A 301 14.66 -1.71 18.57
CA ILE A 301 15.07 -1.19 17.27
C ILE A 301 14.26 0.07 16.93
N LYS A 302 14.85 0.95 16.13
CA LYS A 302 14.19 2.19 15.73
C LYS A 302 12.84 1.95 15.07
N MET A 303 11.81 2.65 15.55
CA MET A 303 10.46 2.51 15.04
C MET A 303 10.35 2.99 13.59
C1 460 B . 2.13 11.34 -6.65
C2 460 B . 3.28 10.62 -7.26
C3 460 B . 4.30 11.34 -7.91
C4 460 B . 5.38 10.62 -8.49
C5 460 B . 5.41 9.19 -8.39
C6 460 B . 4.34 8.54 -7.71
N7 460 B . 3.30 9.25 -7.16
C8 460 B . 4.28 7.08 -7.56
N9 460 B . 3.10 6.42 -7.76
N10 460 B . 3.37 5.12 -7.54
C12 460 B . 4.68 4.89 -7.21
C13 460 B . 5.32 6.12 -7.20
C14 460 B . 6.75 6.27 -6.88
C15 460 B . 7.24 7.30 -6.04
C16 460 B . 8.64 7.36 -5.78
C17 460 B . 9.53 6.43 -6.35
N18 460 B . 10.88 6.50 -6.09
C19 460 B . 11.69 5.55 -6.68
C20 460 B . 11.22 4.54 -7.53
C21 460 B . 9.82 4.49 -7.78
C22 460 B . 8.94 5.42 -7.20
N23 460 B . 7.58 5.34 -7.46
#